data_3EDR
#
_entry.id   3EDR
#
_cell.length_a   88.637
_cell.length_b   88.637
_cell.length_c   187.708
_cell.angle_alpha   90.00
_cell.angle_beta   90.00
_cell.angle_gamma   120.00
#
_symmetry.space_group_name_H-M   'P 32 2 1'
#
loop_
_entity.id
_entity.type
_entity.pdbx_description
1 polymer Caspase-7
2 polymer Caspase-7
3 polymer 'Inhibitor Ac-ldesd-cho peptide'
4 water water
#
loop_
_entity_poly.entity_id
_entity_poly.type
_entity_poly.pdbx_seq_one_letter_code
_entity_poly.pdbx_strand_id
1 'polypeptide(L)'
;AKPDRSSFVPSLFSKKKKNVTMRSIKTTRDRVPTYQYNMNFEKLGKCIIINNKNFDKVTGMGVRNGTDKDAEALFKCFRS
LGFDVIVYNDCSCAKMQDLLKKASEEDHTNAACFACILLSHGEENVIYGKDGVTPIKDLTAHFRGDRCKTLLEKPKLFFI
QACRGTELDDGIQ
;
A,C
2 'polypeptide(L)'
;ANPRYKIPVEADFLFAYSTVPGYYSWRSPGRGSWFVQALCSILEEHGKDLEIMQILTRVNDRVARHFESQSDDPHFHEKK
QIPCVVSMLTKELYFSQ
;
B,D
3 'polypeptide(L)' (ACE)LDES(ASJ) E,F
#
# COMPACT_ATOMS: atom_id res chain seq x y z
N TYR A 35 -5.36 6.75 -19.23
CA TYR A 35 -5.52 6.68 -17.74
C TYR A 35 -6.02 5.33 -17.24
N GLN A 36 -6.35 4.43 -18.16
CA GLN A 36 -6.85 3.10 -17.81
C GLN A 36 -6.04 2.02 -18.50
N TYR A 37 -5.80 0.92 -17.81
CA TYR A 37 -5.07 -0.19 -18.40
C TYR A 37 -5.88 -0.70 -19.58
N ASN A 38 -5.21 -1.09 -20.66
CA ASN A 38 -5.92 -1.61 -21.82
C ASN A 38 -6.36 -3.06 -21.56
N MET A 39 -7.66 -3.30 -21.63
CA MET A 39 -8.22 -4.63 -21.40
C MET A 39 -8.63 -5.33 -22.68
N ASN A 40 -8.30 -4.72 -23.81
CA ASN A 40 -8.65 -5.28 -25.09
C ASN A 40 -7.69 -6.38 -25.54
N PHE A 41 -7.85 -7.57 -24.95
CA PHE A 41 -7.05 -8.75 -25.25
C PHE A 41 -7.99 -9.94 -25.32
N GLU A 42 -7.51 -11.05 -25.85
CA GLU A 42 -8.35 -12.24 -25.96
C GLU A 42 -8.66 -12.78 -24.57
N LYS A 43 -7.63 -12.90 -23.74
CA LYS A 43 -7.80 -13.41 -22.38
C LYS A 43 -7.62 -12.33 -21.33
N LEU A 44 -8.40 -12.42 -20.26
CA LEU A 44 -8.28 -11.46 -19.16
C LEU A 44 -6.94 -11.81 -18.52
N GLY A 45 -6.74 -13.10 -18.27
CA GLY A 45 -5.49 -13.55 -17.68
C GLY A 45 -5.58 -14.83 -16.89
N LYS A 46 -4.43 -15.32 -16.43
CA LYS A 46 -4.41 -16.54 -15.65
C LYS A 46 -4.52 -16.14 -14.19
N CYS A 47 -5.23 -16.96 -13.40
CA CYS A 47 -5.38 -16.69 -11.98
C CYS A 47 -4.98 -17.92 -11.20
N ILE A 48 -3.87 -17.82 -10.47
CA ILE A 48 -3.41 -18.94 -9.68
C ILE A 48 -3.88 -18.79 -8.24
N ILE A 49 -4.58 -19.81 -7.74
CA ILE A 49 -5.04 -19.79 -6.36
C ILE A 49 -4.34 -20.92 -5.60
N ILE A 50 -3.54 -20.56 -4.60
CA ILE A 50 -2.85 -21.54 -3.79
C ILE A 50 -3.56 -21.64 -2.45
N ASN A 51 -4.22 -22.78 -2.22
CA ASN A 51 -4.99 -23.03 -1.03
C ASN A 51 -4.35 -24.04 -0.07
N ASN A 52 -3.55 -23.54 0.87
CA ASN A 52 -2.87 -24.39 1.85
C ASN A 52 -3.73 -24.57 3.10
N LYS A 53 -4.12 -25.81 3.39
CA LYS A 53 -4.98 -26.11 4.54
C LYS A 53 -4.33 -27.00 5.61
N ASN A 54 -3.71 -28.09 5.18
CA ASN A 54 -3.06 -29.03 6.09
C ASN A 54 -1.55 -28.83 6.05
N PHE A 55 -0.92 -28.79 7.22
CA PHE A 55 0.53 -28.58 7.26
C PHE A 55 1.31 -29.70 7.93
N ASP A 56 2.57 -29.85 7.54
CA ASP A 56 3.43 -30.87 8.11
C ASP A 56 3.60 -30.61 9.59
N LYS A 57 3.43 -31.66 10.38
CA LYS A 57 3.54 -31.60 11.83
C LYS A 57 4.72 -30.78 12.32
N VAL A 58 5.86 -30.91 11.67
CA VAL A 58 7.05 -30.17 12.08
C VAL A 58 6.86 -28.65 12.13
N THR A 59 6.14 -28.10 11.15
CA THR A 59 5.90 -26.67 11.09
C THR A 59 5.15 -26.17 12.33
N GLY A 60 4.38 -27.07 12.95
CA GLY A 60 3.62 -26.72 14.13
C GLY A 60 2.37 -25.90 13.88
N MET A 61 1.93 -25.84 12.62
CA MET A 61 0.73 -25.07 12.29
C MET A 61 -0.51 -25.96 12.18
N GLY A 62 -1.65 -25.45 12.65
CA GLY A 62 -2.87 -26.22 12.62
C GLY A 62 -3.64 -26.14 11.31
N VAL A 63 -4.68 -26.96 11.19
CA VAL A 63 -5.50 -27.00 9.99
C VAL A 63 -6.30 -25.72 9.82
N ARG A 64 -6.18 -25.11 8.65
CA ARG A 64 -6.87 -23.86 8.33
C ARG A 64 -8.30 -24.10 7.87
N ASN A 65 -9.17 -24.43 8.82
CA ASN A 65 -10.57 -24.69 8.52
C ASN A 65 -11.28 -23.48 7.92
N GLY A 66 -12.18 -23.77 6.99
CA GLY A 66 -12.92 -22.71 6.35
C GLY A 66 -12.19 -22.18 5.13
N THR A 67 -10.94 -22.58 4.95
CA THR A 67 -10.17 -22.11 3.81
C THR A 67 -10.70 -22.70 2.51
N ASP A 68 -11.37 -23.84 2.58
CA ASP A 68 -11.92 -24.42 1.37
C ASP A 68 -13.13 -23.61 0.92
N LYS A 69 -13.87 -23.08 1.89
CA LYS A 69 -15.02 -22.27 1.55
C LYS A 69 -14.53 -20.99 0.87
N ASP A 70 -13.41 -20.46 1.36
CA ASP A 70 -12.83 -19.27 0.76
C ASP A 70 -12.41 -19.59 -0.67
N ALA A 71 -11.63 -20.66 -0.82
CA ALA A 71 -11.15 -21.07 -2.13
C ALA A 71 -12.26 -21.19 -3.16
N GLU A 72 -13.33 -21.92 -2.82
CA GLU A 72 -14.42 -22.09 -3.77
C GLU A 72 -15.08 -20.76 -4.09
N ALA A 73 -15.21 -19.90 -3.08
CA ALA A 73 -15.81 -18.59 -3.29
C ALA A 73 -14.95 -17.78 -4.25
N LEU A 74 -13.64 -17.77 -3.98
CA LEU A 74 -12.71 -17.04 -4.82
C LEU A 74 -12.70 -17.61 -6.23
N PHE A 75 -12.86 -18.92 -6.34
CA PHE A 75 -12.86 -19.54 -7.65
C PHE A 75 -13.99 -19.02 -8.53
N LYS A 76 -15.21 -18.98 -7.99
CA LYS A 76 -16.35 -18.49 -8.75
C LYS A 76 -16.23 -17.01 -9.12
N CYS A 77 -15.77 -16.19 -8.18
CA CYS A 77 -15.63 -14.77 -8.44
C CYS A 77 -14.66 -14.45 -9.55
N PHE A 78 -13.43 -14.91 -9.40
CA PHE A 78 -12.44 -14.62 -10.41
C PHE A 78 -12.80 -15.25 -11.75
N ARG A 79 -13.56 -16.33 -11.71
CA ARG A 79 -14.00 -16.98 -12.94
C ARG A 79 -14.93 -15.97 -13.64
N SER A 80 -15.91 -15.45 -12.90
CA SER A 80 -16.88 -14.47 -13.40
C SER A 80 -16.21 -13.26 -14.00
N LEU A 81 -15.17 -12.76 -13.35
CA LEU A 81 -14.46 -11.61 -13.87
C LEU A 81 -13.95 -11.97 -15.26
N GLY A 82 -13.55 -13.23 -15.44
CA GLY A 82 -13.04 -13.69 -16.72
C GLY A 82 -11.67 -14.33 -16.65
N PHE A 83 -11.18 -14.60 -15.44
CA PHE A 83 -9.86 -15.22 -15.27
C PHE A 83 -9.90 -16.74 -15.51
N ASP A 84 -8.76 -17.27 -15.96
CA ASP A 84 -8.63 -18.72 -16.19
C ASP A 84 -7.99 -19.20 -14.90
N VAL A 85 -8.84 -19.59 -13.96
CA VAL A 85 -8.43 -20.02 -12.63
C VAL A 85 -8.05 -21.48 -12.46
N ILE A 86 -7.07 -21.72 -11.60
CA ILE A 86 -6.61 -23.07 -11.27
C ILE A 86 -6.24 -23.04 -9.79
N VAL A 87 -6.75 -24.00 -9.03
CA VAL A 87 -6.47 -24.06 -7.60
C VAL A 87 -5.54 -25.22 -7.23
N TYR A 88 -4.41 -24.91 -6.60
CA TYR A 88 -3.43 -25.91 -6.16
C TYR A 88 -3.57 -26.05 -4.65
N ASN A 89 -3.65 -27.28 -4.15
CA ASN A 89 -3.81 -27.51 -2.72
C ASN A 89 -2.56 -27.97 -1.97
N ASP A 90 -2.54 -27.69 -0.66
CA ASP A 90 -1.42 -28.06 0.23
C ASP A 90 -0.11 -28.05 -0.60
N CYS A 91 0.38 -26.89 -0.96
CA CYS A 91 1.62 -26.91 -1.72
C CYS A 91 2.81 -26.77 -0.78
N SER A 92 3.95 -27.29 -1.19
CA SER A 92 5.18 -27.18 -0.42
C SER A 92 5.79 -25.89 -0.90
N CYS A 93 6.81 -25.39 -0.21
CA CYS A 93 7.44 -24.15 -0.62
C CYS A 93 8.03 -24.26 -2.02
N ALA A 94 8.64 -25.40 -2.32
CA ALA A 94 9.23 -25.61 -3.65
C ALA A 94 8.13 -25.59 -4.70
N LYS A 95 6.99 -26.19 -4.36
CA LYS A 95 5.85 -26.24 -5.26
C LYS A 95 5.35 -24.84 -5.55
N MET A 96 5.11 -24.05 -4.50
CA MET A 96 4.64 -22.68 -4.67
C MET A 96 5.65 -21.92 -5.51
N GLN A 97 6.93 -22.10 -5.20
CA GLN A 97 8.00 -21.43 -5.94
C GLN A 97 8.03 -21.82 -7.41
N ASP A 98 7.96 -23.12 -7.67
CA ASP A 98 7.98 -23.62 -9.04
C ASP A 98 6.72 -23.16 -9.79
N LEU A 99 5.59 -23.20 -9.09
CA LEU A 99 4.30 -22.79 -9.64
C LEU A 99 4.37 -21.36 -10.17
N LEU A 100 4.78 -20.42 -9.31
CA LEU A 100 4.88 -19.03 -9.71
C LEU A 100 5.95 -18.78 -10.77
N LYS A 101 7.05 -19.52 -10.70
CA LYS A 101 8.12 -19.36 -11.67
C LYS A 101 7.63 -19.75 -13.05
N LYS A 102 7.01 -20.93 -13.16
CA LYS A 102 6.49 -21.40 -14.44
C LYS A 102 5.49 -20.42 -15.04
N ALA A 103 4.57 -19.95 -14.22
CA ALA A 103 3.55 -19.00 -14.68
C ALA A 103 4.19 -17.78 -15.30
N SER A 104 5.30 -17.35 -14.74
CA SER A 104 6.00 -16.17 -15.24
C SER A 104 6.70 -16.45 -16.56
N GLU A 105 7.00 -17.71 -16.82
CA GLU A 105 7.69 -18.10 -18.04
C GLU A 105 6.72 -18.43 -19.17
N GLU A 106 5.42 -18.47 -18.84
CA GLU A 106 4.40 -18.73 -19.85
C GLU A 106 4.34 -17.47 -20.72
N ASP A 107 3.64 -17.54 -21.85
CA ASP A 107 3.52 -16.39 -22.72
C ASP A 107 2.19 -15.69 -22.50
N HIS A 108 2.25 -14.45 -22.02
CA HIS A 108 1.04 -13.67 -21.72
C HIS A 108 0.75 -12.59 -22.76
N THR A 109 1.25 -12.77 -23.97
CA THR A 109 1.05 -11.81 -25.02
C THR A 109 -0.41 -11.49 -25.30
N ASN A 110 -1.31 -12.42 -24.96
CA ASN A 110 -2.74 -12.22 -25.21
C ASN A 110 -3.57 -11.98 -23.96
N ALA A 111 -2.89 -11.83 -22.83
CA ALA A 111 -3.56 -11.59 -21.56
C ALA A 111 -3.55 -10.11 -21.18
N ALA A 112 -4.62 -9.65 -20.55
CA ALA A 112 -4.71 -8.26 -20.13
C ALA A 112 -3.92 -8.10 -18.83
N CYS A 113 -3.92 -9.15 -18.02
CA CYS A 113 -3.23 -9.10 -16.74
C CYS A 113 -3.05 -10.49 -16.14
N PHE A 114 -2.52 -10.51 -14.93
CA PHE A 114 -2.26 -11.73 -14.18
C PHE A 114 -2.74 -11.54 -12.73
N ALA A 115 -3.17 -12.61 -12.10
CA ALA A 115 -3.63 -12.54 -10.71
C ALA A 115 -3.22 -13.79 -9.95
N CYS A 116 -2.79 -13.62 -8.71
CA CYS A 116 -2.40 -14.75 -7.87
C CYS A 116 -2.98 -14.56 -6.47
N ILE A 117 -3.57 -15.61 -5.92
CA ILE A 117 -4.15 -15.56 -4.58
C ILE A 117 -3.50 -16.60 -3.69
N LEU A 118 -2.94 -16.15 -2.57
CA LEU A 118 -2.27 -17.05 -1.64
C LEU A 118 -3.08 -17.09 -0.36
N LEU A 119 -3.60 -18.27 -0.01
CA LEU A 119 -4.38 -18.46 1.23
C LEU A 119 -3.55 -19.40 2.11
N SER A 120 -3.15 -18.97 3.30
CA SER A 120 -2.35 -19.84 4.15
C SER A 120 -1.98 -19.20 5.47
N HIS A 121 -1.10 -19.87 6.21
CA HIS A 121 -0.59 -19.35 7.47
C HIS A 121 0.56 -18.46 7.07
N GLY A 122 0.89 -17.48 7.88
CA GLY A 122 2.00 -16.62 7.51
C GLY A 122 2.51 -15.75 8.62
N GLU A 123 3.60 -15.05 8.33
CA GLU A 123 4.21 -14.13 9.29
C GLU A 123 4.79 -12.97 8.50
N GLU A 124 5.29 -11.98 9.23
CA GLU A 124 5.87 -10.79 8.61
C GLU A 124 6.76 -11.13 7.42
N ASN A 125 6.35 -10.72 6.22
CA ASN A 125 7.15 -10.93 5.00
C ASN A 125 7.19 -12.34 4.43
N VAL A 126 6.63 -13.32 5.12
CA VAL A 126 6.65 -14.67 4.62
C VAL A 126 5.29 -15.36 4.68
N ILE A 127 5.19 -16.48 3.95
CA ILE A 127 3.97 -17.26 3.94
C ILE A 127 4.34 -18.74 4.04
N TYR A 128 3.48 -19.53 4.67
CA TYR A 128 3.77 -20.94 4.86
C TYR A 128 3.41 -21.89 3.73
N GLY A 129 4.29 -22.85 3.47
CA GLY A 129 4.03 -23.88 2.50
C GLY A 129 3.69 -25.05 3.42
N LYS A 130 3.15 -26.16 2.95
CA LYS A 130 2.85 -27.19 3.95
C LYS A 130 4.09 -27.72 4.71
N ASP A 131 5.28 -27.37 4.24
CA ASP A 131 6.52 -27.85 4.86
C ASP A 131 7.43 -26.77 5.43
N GLY A 132 6.92 -25.56 5.62
CA GLY A 132 7.74 -24.48 6.16
C GLY A 132 7.36 -23.11 5.65
N VAL A 133 8.29 -22.15 5.75
CA VAL A 133 8.01 -20.79 5.30
C VAL A 133 8.85 -20.39 4.10
N THR A 134 8.33 -19.47 3.29
CA THR A 134 9.03 -18.98 2.12
C THR A 134 8.71 -17.49 1.97
N PRO A 135 9.68 -16.68 1.56
CA PRO A 135 9.53 -15.23 1.38
C PRO A 135 8.54 -14.88 0.27
N ILE A 136 7.62 -13.97 0.59
CA ILE A 136 6.62 -13.53 -0.38
C ILE A 136 7.28 -12.79 -1.53
N LYS A 137 8.40 -12.14 -1.24
CA LYS A 137 9.14 -11.41 -2.24
C LYS A 137 9.61 -12.35 -3.35
N ASP A 138 10.12 -13.52 -2.97
CA ASP A 138 10.61 -14.49 -3.94
C ASP A 138 9.54 -14.96 -4.91
N LEU A 139 8.31 -15.08 -4.42
CA LEU A 139 7.19 -15.53 -5.23
C LEU A 139 6.78 -14.49 -6.28
N THR A 140 6.82 -13.22 -5.91
CA THR A 140 6.41 -12.16 -6.81
C THR A 140 7.50 -11.60 -7.74
N ALA A 141 8.75 -11.68 -7.30
CA ALA A 141 9.86 -11.14 -8.11
C ALA A 141 9.92 -11.73 -9.51
N HIS A 142 9.49 -12.98 -9.65
CA HIS A 142 9.48 -13.66 -10.95
C HIS A 142 8.68 -12.88 -11.99
N PHE A 143 7.86 -11.93 -11.53
CA PHE A 143 7.04 -11.13 -12.42
C PHE A 143 7.53 -9.71 -12.68
N ARG A 144 8.72 -9.39 -12.19
CA ARG A 144 9.28 -8.07 -12.42
C ARG A 144 9.44 -7.89 -13.93
N GLY A 145 9.20 -6.67 -14.40
CA GLY A 145 9.28 -6.38 -15.82
C GLY A 145 10.49 -6.97 -16.55
N ASP A 146 11.62 -7.04 -15.86
CA ASP A 146 12.83 -7.55 -16.47
C ASP A 146 12.92 -9.07 -16.36
N ARG A 147 11.81 -9.72 -15.99
CA ARG A 147 11.81 -11.18 -15.84
C ARG A 147 10.54 -11.82 -16.40
N CYS A 148 9.72 -11.03 -17.06
CA CYS A 148 8.49 -11.52 -17.65
C CYS A 148 8.06 -10.40 -18.60
N LYS A 149 8.70 -10.37 -19.76
CA LYS A 149 8.40 -9.37 -20.77
C LYS A 149 6.93 -9.33 -21.20
N THR A 150 6.28 -10.48 -21.21
CA THR A 150 4.88 -10.56 -21.64
C THR A 150 3.86 -9.92 -20.70
N LEU A 151 4.30 -9.54 -19.51
CA LEU A 151 3.41 -8.89 -18.54
C LEU A 151 3.89 -7.46 -18.26
N LEU A 152 4.74 -6.93 -19.12
CA LEU A 152 5.24 -5.59 -18.94
C LEU A 152 4.12 -4.59 -19.22
N GLU A 153 4.00 -3.58 -18.38
CA GLU A 153 2.97 -2.55 -18.52
C GLU A 153 1.57 -3.10 -18.31
N LYS A 154 1.49 -4.34 -17.82
CA LYS A 154 0.21 -4.98 -17.53
C LYS A 154 0.16 -5.19 -16.03
N PRO A 155 -1.02 -5.06 -15.42
CA PRO A 155 -1.11 -5.25 -13.98
C PRO A 155 -0.85 -6.67 -13.49
N LYS A 156 -0.17 -6.76 -12.35
CA LYS A 156 0.16 -8.02 -11.70
C LYS A 156 -0.49 -7.93 -10.32
N LEU A 157 -1.52 -8.74 -10.08
CA LEU A 157 -2.26 -8.70 -8.81
C LEU A 157 -2.01 -9.87 -7.87
N PHE A 158 -1.73 -9.56 -6.61
CA PHE A 158 -1.51 -10.58 -5.59
C PHE A 158 -2.38 -10.30 -4.38
N PHE A 159 -3.25 -11.26 -4.05
CA PHE A 159 -4.14 -11.15 -2.89
C PHE A 159 -3.62 -12.15 -1.87
N ILE A 160 -3.30 -11.69 -0.67
CA ILE A 160 -2.76 -12.59 0.35
C ILE A 160 -3.57 -12.67 1.64
N GLN A 161 -4.10 -13.85 1.94
CA GLN A 161 -4.84 -14.06 3.17
C GLN A 161 -3.90 -14.85 4.08
N ALA A 162 -3.26 -14.15 5.01
CA ALA A 162 -2.32 -14.77 5.93
C ALA A 162 -1.89 -13.77 6.99
N CYS A 163 -1.51 -14.26 8.15
CA CYS A 163 -1.07 -13.38 9.23
C CYS A 163 0.23 -12.69 8.85
N ARG A 164 0.50 -11.56 9.50
CA ARG A 164 1.72 -10.82 9.21
C ARG A 164 2.37 -10.41 10.51
N GLY A 165 2.07 -11.16 11.56
CA GLY A 165 2.63 -10.87 12.87
C GLY A 165 1.70 -11.38 13.96
N THR A 166 1.88 -10.91 15.18
CA THR A 166 1.05 -11.36 16.28
C THR A 166 0.40 -10.26 17.10
N GLU A 167 0.29 -9.06 16.51
CA GLU A 167 -0.35 -7.93 17.18
C GLU A 167 -1.85 -8.06 16.99
N LEU A 168 -2.61 -7.53 17.95
CA LEU A 168 -4.06 -7.58 17.89
C LEU A 168 -4.60 -6.16 17.84
N ASP A 169 -5.75 -5.96 17.21
CA ASP A 169 -6.35 -4.64 17.13
C ASP A 169 -7.56 -4.66 18.07
N ASP A 170 -7.50 -3.86 19.13
CA ASP A 170 -8.59 -3.83 20.10
C ASP A 170 -9.80 -2.99 19.70
N GLY A 171 -9.70 -2.24 18.60
CA GLY A 171 -10.81 -1.41 18.19
C GLY A 171 -11.02 -0.23 19.14
N ILE A 172 -11.92 0.67 18.78
CA ILE A 172 -12.17 1.84 19.61
C ILE A 172 -13.63 2.28 19.56
N GLN A 173 -14.05 3.02 20.59
CA GLN A 173 -15.41 3.56 20.75
C GLN A 173 -16.53 2.54 20.58
N TYR B 5 13.49 5.82 -22.68
CA TYR B 5 13.14 4.47 -23.24
C TYR B 5 12.29 3.55 -22.34
N LYS B 6 12.70 3.52 -21.06
CA LYS B 6 12.30 2.69 -19.89
C LYS B 6 11.04 2.82 -19.06
N ILE B 7 10.92 1.77 -18.25
CA ILE B 7 9.84 1.48 -17.32
C ILE B 7 10.46 0.77 -16.10
N PRO B 8 10.05 1.14 -14.88
CA PRO B 8 10.62 0.51 -13.68
C PRO B 8 10.24 -0.97 -13.58
N VAL B 9 11.17 -1.81 -13.15
CA VAL B 9 10.90 -3.24 -13.04
C VAL B 9 9.89 -3.60 -11.96
N GLU B 10 9.74 -2.72 -10.97
CA GLU B 10 8.82 -2.96 -9.85
C GLU B 10 7.43 -2.37 -10.08
N ALA B 11 7.25 -1.69 -11.20
CA ALA B 11 5.98 -1.06 -11.54
C ALA B 11 4.85 -2.02 -11.91
N ASP B 12 3.62 -1.52 -11.80
CA ASP B 12 2.41 -2.25 -12.12
C ASP B 12 2.09 -3.49 -11.29
N PHE B 13 2.54 -3.51 -10.04
CA PHE B 13 2.24 -4.60 -9.14
C PHE B 13 1.19 -4.10 -8.14
N LEU B 14 0.30 -4.96 -7.70
CA LEU B 14 -0.67 -4.56 -6.69
C LEU B 14 -0.82 -5.69 -5.68
N PHE B 15 -0.63 -5.36 -4.40
CA PHE B 15 -0.77 -6.34 -3.33
C PHE B 15 -1.94 -5.96 -2.47
N ALA B 16 -2.85 -6.90 -2.29
CA ALA B 16 -4.00 -6.67 -1.44
C ALA B 16 -3.88 -7.67 -0.30
N TYR B 17 -3.36 -7.21 0.84
CA TYR B 17 -3.20 -8.08 2.02
C TYR B 17 -4.47 -8.06 2.86
N SER B 18 -4.71 -9.13 3.58
CA SER B 18 -5.89 -9.24 4.43
C SER B 18 -5.72 -8.45 5.72
N THR B 19 -4.50 -8.02 5.99
CA THR B 19 -4.22 -7.28 7.21
C THR B 19 -2.96 -6.41 7.11
N VAL B 20 -2.82 -5.47 8.04
CA VAL B 20 -1.67 -4.58 8.08
C VAL B 20 -0.47 -5.31 8.68
N PRO B 21 0.75 -4.86 8.36
CA PRO B 21 2.00 -5.47 8.86
C PRO B 21 2.06 -5.65 10.38
N GLY B 22 2.42 -6.86 10.80
CA GLY B 22 2.56 -7.18 12.21
C GLY B 22 1.32 -7.67 12.93
N TYR B 23 0.19 -7.73 12.24
CA TYR B 23 -1.05 -8.14 12.87
C TYR B 23 -1.58 -9.51 12.48
N TYR B 24 -2.56 -9.96 13.26
CA TYR B 24 -3.21 -11.24 13.04
C TYR B 24 -4.23 -11.05 11.92
N SER B 25 -4.65 -12.16 11.34
CA SER B 25 -5.65 -12.12 10.28
C SER B 25 -6.68 -13.16 10.67
N TRP B 26 -7.94 -12.76 10.76
CA TRP B 26 -8.99 -13.67 11.18
C TRP B 26 -9.74 -14.47 10.14
N ARG B 27 -10.13 -15.68 10.55
CA ARG B 27 -10.84 -16.63 9.71
C ARG B 27 -11.86 -17.44 10.52
N SER B 28 -13.09 -17.52 10.00
CA SER B 28 -14.16 -18.26 10.64
C SER B 28 -14.26 -19.65 9.99
N PRO B 29 -14.10 -20.73 10.79
CA PRO B 29 -14.17 -22.11 10.30
C PRO B 29 -15.43 -22.44 9.50
N GLY B 30 -16.53 -21.77 9.81
CA GLY B 30 -17.77 -22.05 9.10
C GLY B 30 -18.05 -21.16 7.90
N ARG B 31 -17.51 -19.95 7.89
CA ARG B 31 -17.76 -19.02 6.78
C ARG B 31 -16.53 -18.54 6.04
N GLY B 32 -15.35 -18.91 6.53
CA GLY B 32 -14.12 -18.50 5.86
C GLY B 32 -13.52 -17.24 6.45
N SER B 33 -12.34 -16.85 5.96
CA SER B 33 -11.67 -15.66 6.46
C SER B 33 -12.49 -14.40 6.16
N TRP B 34 -12.32 -13.37 7.00
CA TRP B 34 -13.05 -12.12 6.83
C TRP B 34 -12.73 -11.43 5.51
N PHE B 35 -11.44 -11.36 5.20
CA PHE B 35 -10.96 -10.72 3.99
C PHE B 35 -11.59 -11.33 2.74
N VAL B 36 -11.50 -12.65 2.58
CA VAL B 36 -12.08 -13.29 1.41
C VAL B 36 -13.60 -13.14 1.36
N GLN B 37 -14.26 -13.27 2.51
CA GLN B 37 -15.71 -13.10 2.54
C GLN B 37 -16.07 -11.75 1.91
N ALA B 38 -15.51 -10.68 2.47
CA ALA B 38 -15.78 -9.32 2.00
C ALA B 38 -15.37 -9.08 0.56
N LEU B 39 -14.22 -9.61 0.17
CA LEU B 39 -13.72 -9.45 -1.18
C LEU B 39 -14.66 -10.08 -2.20
N CYS B 40 -15.17 -11.26 -1.87
CA CYS B 40 -16.08 -11.92 -2.79
C CYS B 40 -17.44 -11.24 -2.87
N SER B 41 -17.97 -10.79 -1.75
CA SER B 41 -19.28 -10.12 -1.80
C SER B 41 -19.21 -8.82 -2.61
N ILE B 42 -18.13 -8.06 -2.46
CA ILE B 42 -17.99 -6.82 -3.20
C ILE B 42 -17.78 -7.10 -4.70
N LEU B 43 -16.91 -8.06 -5.00
CA LEU B 43 -16.63 -8.43 -6.38
C LEU B 43 -17.86 -8.98 -7.08
N GLU B 44 -18.62 -9.79 -6.37
CA GLU B 44 -19.82 -10.38 -6.94
C GLU B 44 -20.85 -9.34 -7.31
N GLU B 45 -20.79 -8.17 -6.68
CA GLU B 45 -21.76 -7.13 -7.00
C GLU B 45 -21.23 -5.93 -7.77
N HIS B 46 -19.92 -5.68 -7.69
CA HIS B 46 -19.33 -4.53 -8.39
C HIS B 46 -18.05 -4.80 -9.16
N GLY B 47 -17.70 -6.08 -9.31
CA GLY B 47 -16.48 -6.44 -10.02
C GLY B 47 -16.37 -5.91 -11.44
N LYS B 48 -17.49 -5.92 -12.15
CA LYS B 48 -17.49 -5.47 -13.53
C LYS B 48 -17.74 -3.98 -13.73
N ASP B 49 -18.02 -3.23 -12.65
CA ASP B 49 -18.28 -1.81 -12.83
C ASP B 49 -17.44 -0.80 -12.03
N LEU B 50 -16.57 -1.28 -11.15
CA LEU B 50 -15.76 -0.36 -10.37
C LEU B 50 -14.26 -0.54 -10.60
N GLU B 51 -13.52 0.56 -10.42
CA GLU B 51 -12.07 0.56 -10.55
C GLU B 51 -11.55 -0.27 -9.36
N ILE B 52 -10.49 -1.04 -9.56
CA ILE B 52 -10.01 -1.91 -8.48
C ILE B 52 -9.71 -1.24 -7.13
N MET B 53 -9.24 0.01 -7.14
CA MET B 53 -8.96 0.72 -5.88
C MET B 53 -10.26 1.02 -5.13
N GLN B 54 -11.33 1.27 -5.90
CA GLN B 54 -12.64 1.54 -5.34
C GLN B 54 -13.14 0.25 -4.67
N ILE B 55 -12.97 -0.87 -5.35
CA ILE B 55 -13.40 -2.16 -4.85
C ILE B 55 -12.68 -2.54 -3.55
N LEU B 56 -11.35 -2.48 -3.57
CA LEU B 56 -10.56 -2.83 -2.39
C LEU B 56 -10.79 -1.83 -1.26
N THR B 57 -11.23 -0.62 -1.61
CA THR B 57 -11.50 0.35 -0.56
C THR B 57 -12.77 -0.10 0.17
N ARG B 58 -13.78 -0.48 -0.60
CA ARG B 58 -15.03 -0.94 0.00
C ARG B 58 -14.77 -2.22 0.81
N VAL B 59 -13.84 -3.05 0.35
CA VAL B 59 -13.52 -4.28 1.07
C VAL B 59 -12.89 -3.88 2.41
N ASN B 60 -12.09 -2.82 2.42
CA ASN B 60 -11.48 -2.34 3.65
C ASN B 60 -12.57 -1.92 4.64
N ASP B 61 -13.56 -1.18 4.15
CA ASP B 61 -14.66 -0.71 4.98
C ASP B 61 -15.47 -1.87 5.55
N ARG B 62 -15.84 -2.83 4.70
CA ARG B 62 -16.60 -3.99 5.13
C ARG B 62 -15.89 -4.82 6.20
N VAL B 63 -14.61 -5.09 6.00
CA VAL B 63 -13.84 -5.87 6.96
C VAL B 63 -13.69 -5.11 8.29
N ALA B 64 -13.50 -3.80 8.21
CA ALA B 64 -13.32 -2.97 9.41
C ALA B 64 -14.59 -2.83 10.22
N ARG B 65 -15.72 -2.71 9.52
CA ARG B 65 -17.00 -2.53 10.19
C ARG B 65 -17.79 -3.80 10.52
N HIS B 66 -18.06 -4.61 9.50
CA HIS B 66 -18.85 -5.82 9.68
C HIS B 66 -18.29 -6.97 10.55
N PHE B 67 -17.02 -6.91 10.96
CA PHE B 67 -16.44 -8.02 11.72
C PHE B 67 -15.89 -7.71 13.10
N GLU B 68 -15.87 -8.72 13.96
CA GLU B 68 -15.35 -8.60 15.32
C GLU B 68 -15.15 -10.01 15.87
N SER B 69 -13.90 -10.43 16.00
CA SER B 69 -13.56 -11.76 16.50
C SER B 69 -14.33 -12.22 17.72
N GLN B 70 -14.62 -13.52 17.77
CA GLN B 70 -15.33 -14.12 18.90
C GLN B 70 -14.56 -15.34 19.38
N SER B 71 -14.03 -15.24 20.59
CA SER B 71 -13.27 -16.34 21.17
C SER B 71 -13.51 -16.43 22.68
N ASP B 72 -13.21 -17.59 23.26
CA ASP B 72 -13.38 -17.81 24.68
C ASP B 72 -12.26 -17.10 25.43
N ASP B 73 -11.03 -17.30 24.95
CA ASP B 73 -9.88 -16.67 25.56
C ASP B 73 -10.14 -15.17 25.59
N PRO B 74 -10.27 -14.58 26.79
CA PRO B 74 -10.54 -13.14 26.91
C PRO B 74 -9.52 -12.25 26.20
N HIS B 75 -8.36 -12.83 25.89
CA HIS B 75 -7.28 -12.11 25.23
C HIS B 75 -7.51 -11.98 23.72
N PHE B 76 -8.37 -12.84 23.18
CA PHE B 76 -8.67 -12.82 21.75
C PHE B 76 -10.14 -12.48 21.53
N HIS B 77 -10.76 -11.94 22.56
CA HIS B 77 -12.17 -11.57 22.50
C HIS B 77 -12.42 -10.21 21.86
N GLU B 78 -13.41 -10.14 20.99
CA GLU B 78 -13.80 -8.91 20.30
C GLU B 78 -12.67 -8.09 19.68
N LYS B 79 -11.87 -8.72 18.82
CA LYS B 79 -10.77 -8.03 18.17
C LYS B 79 -11.19 -7.58 16.77
N LYS B 80 -10.54 -6.54 16.26
CA LYS B 80 -10.85 -6.01 14.95
C LYS B 80 -9.75 -6.26 13.93
N GLN B 81 -10.04 -5.99 12.65
CA GLN B 81 -9.07 -6.19 11.58
C GLN B 81 -9.22 -5.15 10.46
N ILE B 82 -8.11 -4.76 9.86
CA ILE B 82 -8.14 -3.79 8.75
C ILE B 82 -7.17 -4.26 7.66
N PRO B 83 -7.69 -4.46 6.43
CA PRO B 83 -6.85 -4.91 5.32
C PRO B 83 -5.82 -3.86 4.95
N CYS B 84 -4.93 -4.22 4.03
CA CYS B 84 -3.87 -3.33 3.62
C CYS B 84 -3.61 -3.47 2.13
N VAL B 85 -3.78 -2.37 1.39
CA VAL B 85 -3.56 -2.38 -0.06
C VAL B 85 -2.29 -1.64 -0.43
N VAL B 86 -1.38 -2.34 -1.11
CA VAL B 86 -0.13 -1.74 -1.56
C VAL B 86 -0.21 -1.66 -3.08
N SER B 87 -0.19 -0.44 -3.62
CA SER B 87 -0.29 -0.26 -5.06
C SER B 87 0.88 0.43 -5.75
N MET B 88 1.35 -0.21 -6.82
CA MET B 88 2.43 0.30 -7.66
C MET B 88 1.85 0.46 -9.06
N LEU B 89 0.53 0.39 -9.16
CA LEU B 89 -0.13 0.51 -10.43
C LEU B 89 0.14 1.89 -11.01
N THR B 90 0.03 2.00 -12.33
CA THR B 90 0.27 3.28 -13.01
C THR B 90 -0.93 3.73 -13.83
N LYS B 91 -2.01 2.96 -13.76
CA LYS B 91 -3.25 3.28 -14.48
C LYS B 91 -4.43 2.79 -13.65
N GLU B 92 -5.64 3.21 -14.02
CA GLU B 92 -6.84 2.74 -13.34
C GLU B 92 -7.10 1.33 -13.91
N LEU B 93 -7.65 0.45 -13.10
CA LEU B 93 -7.93 -0.91 -13.55
C LEU B 93 -9.39 -1.29 -13.44
N TYR B 94 -9.97 -1.70 -14.57
CA TYR B 94 -11.36 -2.13 -14.66
C TYR B 94 -11.35 -3.53 -15.28
N PHE B 95 -12.20 -4.42 -14.77
CA PHE B 95 -12.24 -5.78 -15.30
C PHE B 95 -13.25 -5.98 -16.42
N SER B 96 -13.39 -5.01 -17.32
CA SER B 96 -14.36 -5.17 -18.40
C SER B 96 -14.14 -4.29 -19.62
N GLN B 97 -14.91 -4.58 -20.67
CA GLN B 97 -14.89 -3.88 -21.95
C GLN B 97 -13.54 -3.96 -22.66
N ARG C 29 -14.84 9.91 -12.01
CA ARG C 29 -16.16 9.29 -12.32
C ARG C 29 -17.30 9.80 -11.44
N ASP C 30 -18.26 8.92 -11.18
CA ASP C 30 -19.44 9.22 -10.38
C ASP C 30 -19.19 9.28 -8.88
N ARG C 31 -19.72 10.31 -8.23
CA ARG C 31 -19.57 10.49 -6.79
C ARG C 31 -20.70 9.81 -6.01
N VAL C 32 -20.50 8.53 -5.66
CA VAL C 32 -21.52 7.75 -4.91
C VAL C 32 -21.52 8.19 -3.41
N PRO C 33 -22.72 8.48 -2.79
CA PRO C 33 -22.88 8.93 -1.38
C PRO C 33 -22.10 8.49 -0.13
N THR C 34 -22.52 7.36 0.39
CA THR C 34 -22.01 6.80 1.62
C THR C 34 -20.68 6.10 1.45
N TYR C 35 -20.07 6.38 0.31
CA TYR C 35 -18.79 5.81 -0.02
C TYR C 35 -17.67 6.85 -0.03
N GLN C 36 -17.96 8.03 0.50
CA GLN C 36 -16.98 9.10 0.56
C GLN C 36 -16.81 9.65 1.96
N TYR C 37 -15.58 10.04 2.28
CA TYR C 37 -15.30 10.62 3.58
C TYR C 37 -16.05 11.94 3.62
N ASN C 38 -16.70 12.20 4.75
CA ASN C 38 -17.46 13.42 4.94
C ASN C 38 -16.52 14.64 5.04
N MET C 39 -16.58 15.53 4.04
CA MET C 39 -15.72 16.70 4.01
C MET C 39 -16.39 17.98 4.53
N ASN C 40 -17.62 17.85 5.03
CA ASN C 40 -18.32 19.02 5.51
C ASN C 40 -17.94 19.42 6.94
N PHE C 41 -16.78 20.06 7.06
CA PHE C 41 -16.30 20.52 8.35
C PHE C 41 -15.89 21.98 8.23
N GLU C 42 -15.72 22.65 9.37
CA GLU C 42 -15.34 24.05 9.40
C GLU C 42 -14.07 24.22 8.57
N LYS C 43 -13.15 23.27 8.68
CA LYS C 43 -11.91 23.32 7.92
C LYS C 43 -11.41 21.95 7.49
N LEU C 44 -10.62 21.94 6.42
CA LEU C 44 -10.07 20.70 5.85
C LEU C 44 -9.10 19.99 6.77
N GLY C 45 -8.26 20.76 7.45
CA GLY C 45 -7.32 20.15 8.37
C GLY C 45 -5.92 20.74 8.39
N LYS C 46 -5.10 20.20 9.28
CA LYS C 46 -3.72 20.63 9.47
C LYS C 46 -2.78 19.89 8.52
N CYS C 47 -1.72 20.57 8.09
CA CYS C 47 -0.72 19.93 7.22
C CYS C 47 0.69 20.18 7.72
N ILE C 48 1.26 19.20 8.40
CA ILE C 48 2.62 19.31 8.93
C ILE C 48 3.66 18.92 7.88
N ILE C 49 4.66 19.79 7.68
CA ILE C 49 5.72 19.48 6.73
C ILE C 49 7.08 19.50 7.43
N ILE C 50 7.77 18.36 7.46
CA ILE C 50 9.09 18.29 8.07
C ILE C 50 10.10 18.35 6.93
N ASN C 51 10.79 19.48 6.81
CA ASN C 51 11.78 19.68 5.77
C ASN C 51 13.22 19.53 6.29
N ASN C 52 13.73 18.30 6.30
CA ASN C 52 15.09 18.04 6.77
C ASN C 52 16.16 18.18 5.69
N LYS C 53 16.96 19.23 5.77
CA LYS C 53 18.01 19.46 4.79
C LYS C 53 19.43 19.20 5.28
N ASN C 54 19.71 19.62 6.52
CA ASN C 54 21.03 19.46 7.10
C ASN C 54 21.10 18.39 8.20
N PHE C 55 22.20 17.63 8.21
CA PHE C 55 22.39 16.58 9.19
C PHE C 55 23.75 16.61 9.89
N ASP C 56 23.79 16.15 11.15
CA ASP C 56 25.03 16.12 11.92
C ASP C 56 26.04 15.22 11.21
N LYS C 57 27.30 15.63 11.19
CA LYS C 57 28.35 14.87 10.53
C LYS C 57 28.37 13.39 10.93
N VAL C 58 28.16 13.11 12.21
CA VAL C 58 28.19 11.75 12.73
C VAL C 58 27.18 10.75 12.15
N THR C 59 26.20 11.22 11.41
CA THR C 59 25.23 10.30 10.82
C THR C 59 25.73 9.86 9.46
N GLY C 60 26.74 10.58 8.96
CA GLY C 60 27.30 10.27 7.66
C GLY C 60 26.45 10.76 6.50
N MET C 61 25.32 11.40 6.81
CA MET C 61 24.42 11.91 5.77
C MET C 61 24.83 13.27 5.25
N GLY C 62 24.60 13.48 3.95
CA GLY C 62 24.94 14.75 3.33
C GLY C 62 23.78 15.72 3.21
N VAL C 63 24.07 16.96 2.84
CA VAL C 63 23.04 17.97 2.67
C VAL C 63 22.11 17.52 1.55
N ARG C 64 20.80 17.73 1.74
CA ARG C 64 19.84 17.32 0.73
C ARG C 64 19.43 18.52 -0.13
N ASN C 65 20.32 18.91 -1.05
CA ASN C 65 20.02 20.04 -1.90
C ASN C 65 18.80 19.77 -2.79
N GLY C 66 17.93 20.77 -2.88
CA GLY C 66 16.72 20.63 -3.67
C GLY C 66 15.51 20.44 -2.76
N THR C 67 15.76 20.21 -1.47
CA THR C 67 14.66 19.99 -0.53
C THR C 67 13.87 21.26 -0.24
N ASP C 68 14.49 22.42 -0.30
CA ASP C 68 13.77 23.67 -0.05
C ASP C 68 12.81 23.89 -1.22
N LYS C 69 13.23 23.44 -2.40
CA LYS C 69 12.40 23.57 -3.60
C LYS C 69 11.11 22.75 -3.41
N ASP C 70 11.25 21.56 -2.83
CA ASP C 70 10.10 20.69 -2.60
C ASP C 70 9.19 21.24 -1.52
N ALA C 71 9.77 21.69 -0.42
CA ALA C 71 9.02 22.23 0.70
C ALA C 71 8.20 23.43 0.27
N GLU C 72 8.81 24.31 -0.51
CA GLU C 72 8.13 25.50 -0.99
C GLU C 72 6.95 25.07 -1.87
N ALA C 73 7.24 24.16 -2.81
CA ALA C 73 6.22 23.65 -3.73
C ALA C 73 5.07 22.96 -3.00
N LEU C 74 5.42 22.13 -2.02
CA LEU C 74 4.41 21.42 -1.25
C LEU C 74 3.54 22.40 -0.44
N PHE C 75 4.17 23.34 0.23
CA PHE C 75 3.45 24.31 1.04
C PHE C 75 2.44 25.08 0.19
N LYS C 76 2.90 25.67 -0.91
CA LYS C 76 2.01 26.43 -1.78
C LYS C 76 0.90 25.51 -2.24
N CYS C 77 1.27 24.28 -2.59
CA CYS C 77 0.32 23.30 -3.07
C CYS C 77 -0.78 22.91 -2.09
N PHE C 78 -0.41 22.58 -0.86
CA PHE C 78 -1.41 22.20 0.15
C PHE C 78 -2.21 23.38 0.71
N ARG C 79 -1.64 24.57 0.71
CA ARG C 79 -2.35 25.76 1.20
C ARG C 79 -3.53 25.95 0.24
N SER C 80 -3.21 25.81 -1.04
CA SER C 80 -4.17 25.96 -2.13
C SER C 80 -5.33 24.96 -1.96
N LEU C 81 -5.01 23.76 -1.48
CA LEU C 81 -6.01 22.73 -1.26
C LEU C 81 -6.99 23.09 -0.15
N GLY C 82 -6.54 23.86 0.84
CA GLY C 82 -7.42 24.22 1.94
C GLY C 82 -6.88 23.83 3.31
N PHE C 83 -5.67 23.28 3.35
CA PHE C 83 -5.04 22.87 4.62
C PHE C 83 -4.37 24.05 5.33
N ASP C 84 -4.20 23.95 6.63
CA ASP C 84 -3.49 24.98 7.40
C ASP C 84 -2.07 24.42 7.51
N VAL C 85 -1.19 24.86 6.60
CA VAL C 85 0.18 24.37 6.54
C VAL C 85 1.21 24.96 7.51
N ILE C 86 2.03 24.08 8.07
CA ILE C 86 3.10 24.46 8.99
C ILE C 86 4.41 23.78 8.52
N VAL C 87 5.46 24.57 8.33
CA VAL C 87 6.74 24.00 7.89
C VAL C 87 7.83 24.04 8.96
N TYR C 88 8.36 22.88 9.29
CA TYR C 88 9.42 22.76 10.28
C TYR C 88 10.69 22.41 9.51
N ASN C 89 11.84 22.93 9.95
CA ASN C 89 13.11 22.67 9.27
C ASN C 89 14.22 22.07 10.13
N ASP C 90 15.08 21.26 9.50
CA ASP C 90 16.22 20.58 10.15
C ASP C 90 15.93 20.01 11.55
N CYS C 91 14.90 19.15 11.68
CA CYS C 91 14.51 18.62 12.99
C CYS C 91 15.30 17.45 13.52
N SER C 92 15.48 17.42 14.83
CA SER C 92 16.18 16.31 15.47
C SER C 92 15.14 15.20 15.62
N CYS C 93 15.58 13.99 15.95
CA CYS C 93 14.62 12.91 16.10
C CYS C 93 13.61 13.18 17.20
N ALA C 94 14.07 13.76 18.32
CA ALA C 94 13.17 14.03 19.43
C ALA C 94 12.16 15.11 19.06
N LYS C 95 12.59 16.07 18.24
CA LYS C 95 11.72 17.14 17.80
C LYS C 95 10.60 16.56 16.94
N MET C 96 10.96 15.72 15.98
CA MET C 96 9.96 15.12 15.11
C MET C 96 8.94 14.33 15.92
N GLN C 97 9.42 13.56 16.91
CA GLN C 97 8.55 12.75 17.77
C GLN C 97 7.57 13.59 18.56
N ASP C 98 8.11 14.59 19.24
CA ASP C 98 7.34 15.47 20.09
C ASP C 98 6.34 16.29 19.28
N LEU C 99 6.84 16.87 18.20
CA LEU C 99 6.04 17.67 17.29
C LEU C 99 4.80 16.89 16.84
N LEU C 100 5.00 15.65 16.37
CA LEU C 100 3.86 14.84 15.92
C LEU C 100 2.95 14.40 17.07
N LYS C 101 3.53 14.10 18.22
CA LYS C 101 2.74 13.69 19.39
C LYS C 101 1.83 14.83 19.82
N LYS C 102 2.33 16.06 19.76
CA LYS C 102 1.55 17.22 20.13
C LYS C 102 0.43 17.50 19.14
N ALA C 103 0.65 17.19 17.86
CA ALA C 103 -0.39 17.44 16.87
C ALA C 103 -1.55 16.48 17.11
N SER C 104 -1.23 15.24 17.51
CA SER C 104 -2.23 14.22 17.76
C SER C 104 -3.03 14.46 19.05
N GLU C 105 -2.58 15.42 19.85
CA GLU C 105 -3.26 15.72 21.10
C GLU C 105 -4.13 16.96 20.97
N GLU C 106 -3.96 17.68 19.87
CA GLU C 106 -4.77 18.87 19.62
C GLU C 106 -6.19 18.38 19.29
N ASP C 107 -7.14 19.31 19.24
CA ASP C 107 -8.52 18.96 18.95
C ASP C 107 -8.79 19.06 17.45
N HIS C 108 -9.10 17.94 16.83
CA HIS C 108 -9.35 17.90 15.39
C HIS C 108 -10.83 17.80 15.06
N THR C 109 -11.66 17.87 16.09
CA THR C 109 -13.12 17.78 15.95
C THR C 109 -13.72 18.56 14.78
N ASN C 110 -13.14 19.70 14.44
CA ASN C 110 -13.68 20.49 13.35
C ASN C 110 -12.90 20.39 12.04
N ALA C 111 -12.03 19.39 11.95
CA ALA C 111 -11.21 19.17 10.75
C ALA C 111 -11.67 17.92 9.99
N ALA C 112 -11.61 17.98 8.67
CA ALA C 112 -12.02 16.84 7.82
C ALA C 112 -11.00 15.72 7.75
N CYS C 113 -9.72 16.08 7.87
CA CYS C 113 -8.65 15.09 7.81
C CYS C 113 -7.35 15.71 8.30
N PHE C 114 -6.28 14.92 8.27
CA PHE C 114 -4.96 15.39 8.68
C PHE C 114 -3.91 14.97 7.65
N ALA C 115 -2.84 15.75 7.54
CA ALA C 115 -1.79 15.43 6.59
C ALA C 115 -0.42 15.75 7.11
N CYS C 116 0.54 14.87 6.81
CA CYS C 116 1.92 15.05 7.21
C CYS C 116 2.84 14.68 6.05
N ILE C 117 3.86 15.48 5.82
CA ILE C 117 4.79 15.21 4.73
C ILE C 117 6.20 15.19 5.30
N LEU C 118 6.92 14.10 5.07
CA LEU C 118 8.29 14.00 5.58
C LEU C 118 9.31 14.02 4.43
N LEU C 119 10.26 14.95 4.51
CA LEU C 119 11.30 15.08 3.49
C LEU C 119 12.66 14.88 4.17
N SER C 120 13.30 13.74 3.94
CA SER C 120 14.56 13.52 4.61
C SER C 120 15.29 12.31 4.06
N HIS C 121 16.32 11.87 4.78
CA HIS C 121 17.08 10.69 4.41
C HIS C 121 16.33 9.51 5.03
N GLY C 122 16.68 8.30 4.64
CA GLY C 122 16.00 7.16 5.21
C GLY C 122 16.54 5.82 4.77
N GLU C 123 16.11 4.79 5.49
CA GLU C 123 16.48 3.40 5.21
C GLU C 123 15.17 2.65 5.47
N GLU C 124 15.11 1.38 5.12
CA GLU C 124 13.86 0.64 5.30
C GLU C 124 13.20 0.81 6.67
N ASN C 125 11.98 1.36 6.67
CA ASN C 125 11.18 1.59 7.87
C ASN C 125 11.69 2.69 8.79
N VAL C 126 12.67 3.44 8.31
CA VAL C 126 13.28 4.48 9.13
C VAL C 126 13.43 5.80 8.39
N ILE C 127 13.30 6.90 9.14
CA ILE C 127 13.46 8.23 8.59
C ILE C 127 14.53 8.96 9.43
N TYR C 128 15.36 9.76 8.78
CA TYR C 128 16.40 10.47 9.50
C TYR C 128 16.02 11.83 10.07
N GLY C 129 16.53 12.09 11.27
CA GLY C 129 16.34 13.38 11.89
C GLY C 129 17.75 13.91 11.73
N LYS C 130 18.06 15.14 12.12
CA LYS C 130 19.44 15.56 11.94
C LYS C 130 20.29 14.77 12.94
N ASP C 131 19.61 14.37 14.02
CA ASP C 131 20.15 13.57 15.12
C ASP C 131 20.66 12.20 14.66
N GLY C 132 19.73 11.38 14.16
CA GLY C 132 20.03 10.05 13.69
C GLY C 132 18.77 9.48 13.05
N VAL C 133 18.41 8.23 13.35
CA VAL C 133 17.18 7.66 12.76
C VAL C 133 16.08 7.29 13.76
N THR C 134 14.84 7.33 13.28
CA THR C 134 13.68 6.99 14.09
C THR C 134 12.71 6.19 13.18
N PRO C 135 11.98 5.22 13.75
CA PRO C 135 11.03 4.38 12.98
C PRO C 135 9.80 5.14 12.49
N ILE C 136 9.46 4.98 11.22
CA ILE C 136 8.29 5.67 10.65
C ILE C 136 7.05 5.34 11.46
N LYS C 137 6.92 4.07 11.81
CA LYS C 137 5.78 3.58 12.57
C LYS C 137 5.54 4.34 13.86
N ASP C 138 6.61 4.65 14.59
CA ASP C 138 6.46 5.37 15.84
C ASP C 138 6.00 6.82 15.64
N LEU C 139 6.28 7.38 14.47
CA LEU C 139 5.87 8.74 14.16
C LEU C 139 4.37 8.76 13.89
N THR C 140 3.92 7.80 13.08
CA THR C 140 2.51 7.71 12.72
C THR C 140 1.59 7.07 13.76
N ALA C 141 2.16 6.30 14.68
CA ALA C 141 1.37 5.63 15.71
C ALA C 141 0.58 6.61 16.57
N HIS C 142 1.11 7.82 16.74
CA HIS C 142 0.45 8.85 17.54
C HIS C 142 -0.97 9.13 17.04
N PHE C 143 -1.26 8.77 15.79
CA PHE C 143 -2.57 9.03 15.22
C PHE C 143 -3.49 7.82 15.08
N ARG C 144 -3.16 6.72 15.74
CA ARG C 144 -4.01 5.54 15.66
C ARG C 144 -5.38 5.95 16.21
N GLY C 145 -6.41 5.15 15.96
CA GLY C 145 -7.73 5.51 16.43
C GLY C 145 -7.84 5.71 17.92
N ASP C 146 -7.20 4.85 18.68
CA ASP C 146 -7.24 4.90 20.14
C ASP C 146 -6.36 5.98 20.78
N ARG C 147 -5.47 6.58 20.01
CA ARG C 147 -4.58 7.59 20.57
C ARG C 147 -4.87 9.01 20.12
N CYS C 148 -5.75 9.15 19.13
CA CYS C 148 -6.11 10.45 18.62
C CYS C 148 -7.58 10.37 18.21
N LYS C 149 -8.44 10.35 19.21
CA LYS C 149 -9.87 10.22 19.00
C LYS C 149 -10.61 11.31 18.23
N THR C 150 -10.02 12.48 18.04
CA THR C 150 -10.72 13.51 17.27
C THR C 150 -10.49 13.37 15.75
N LEU C 151 -9.63 12.42 15.39
CA LEU C 151 -9.32 12.16 13.98
C LEU C 151 -9.89 10.79 13.61
N LEU C 152 -10.61 10.18 14.53
CA LEU C 152 -11.20 8.88 14.31
C LEU C 152 -12.20 8.93 13.14
N GLU C 153 -12.14 7.92 12.27
CA GLU C 153 -13.02 7.84 11.11
C GLU C 153 -12.69 8.90 10.06
N LYS C 154 -11.59 9.60 10.27
CA LYS C 154 -11.14 10.63 9.34
C LYS C 154 -9.82 10.19 8.71
N PRO C 155 -9.63 10.49 7.41
CA PRO C 155 -8.40 10.09 6.74
C PRO C 155 -7.14 10.78 7.29
N LYS C 156 -6.10 9.98 7.52
CA LYS C 156 -4.81 10.46 8.04
C LYS C 156 -3.76 10.17 6.96
N LEU C 157 -3.27 11.22 6.30
CA LEU C 157 -2.33 11.07 5.20
C LEU C 157 -0.88 11.37 5.50
N PHE C 158 0.00 10.52 5.01
CA PHE C 158 1.45 10.67 5.20
C PHE C 158 2.16 10.49 3.87
N PHE C 159 2.83 11.53 3.39
CA PHE C 159 3.60 11.44 2.15
C PHE C 159 5.05 11.42 2.61
N ILE C 160 5.80 10.40 2.17
CA ILE C 160 7.20 10.26 2.57
C ILE C 160 8.18 10.31 1.40
N GLN C 161 9.09 11.27 1.44
CA GLN C 161 10.13 11.38 0.41
C GLN C 161 11.43 11.05 1.12
N ALA C 162 11.84 9.80 1.02
CA ALA C 162 13.07 9.32 1.64
C ALA C 162 13.43 7.97 1.05
N CYS C 163 14.68 7.58 1.18
CA CYS C 163 15.12 6.29 0.65
C CYS C 163 14.64 5.18 1.56
N ARG C 164 14.46 3.99 1.00
CA ARG C 164 13.97 2.88 1.78
C ARG C 164 14.89 1.69 1.66
N GLY C 165 16.14 1.97 1.29
CA GLY C 165 17.12 0.90 1.12
C GLY C 165 18.13 1.34 0.09
N THR C 166 18.92 0.41 -0.43
CA THR C 166 19.94 0.79 -1.40
C THR C 166 19.86 0.14 -2.77
N GLU C 167 18.77 -0.57 -3.03
CA GLU C 167 18.60 -1.22 -4.34
C GLU C 167 18.33 -0.17 -5.43
N LEU C 168 18.82 -0.45 -6.64
CA LEU C 168 18.64 0.45 -7.78
C LEU C 168 17.73 -0.19 -8.84
N ASP C 169 16.79 0.60 -9.37
CA ASP C 169 15.89 0.09 -10.41
C ASP C 169 16.50 0.46 -11.76
N ASP C 170 16.98 -0.54 -12.48
CA ASP C 170 17.62 -0.33 -13.79
C ASP C 170 16.64 -0.14 -14.94
N GLY C 171 15.41 -0.61 -14.78
CA GLY C 171 14.43 -0.46 -15.84
C GLY C 171 14.43 -1.59 -16.85
N ILE C 172 13.60 -1.45 -17.89
CA ILE C 172 13.48 -2.46 -18.92
C ILE C 172 12.93 -1.83 -20.20
N GLN C 173 13.05 -2.57 -21.30
CA GLN C 173 12.60 -2.11 -22.62
C GLN C 173 13.40 -0.88 -23.03
N TYR D 5 -19.88 -2.18 16.63
CA TYR D 5 -19.76 -0.78 17.12
C TYR D 5 -18.34 -0.21 17.09
N LYS D 6 -17.33 -1.07 16.98
CA LYS D 6 -15.94 -0.60 16.98
C LYS D 6 -15.27 -0.38 15.62
N ILE D 7 -14.10 0.25 15.68
CA ILE D 7 -13.29 0.56 14.49
C ILE D 7 -11.85 0.15 14.76
N PRO D 8 -11.18 -0.43 13.75
CA PRO D 8 -9.78 -0.84 13.93
C PRO D 8 -8.89 0.39 14.21
N VAL D 9 -7.92 0.26 15.10
CA VAL D 9 -7.08 1.40 15.42
C VAL D 9 -6.14 1.79 14.29
N GLU D 10 -5.88 0.84 13.38
CA GLU D 10 -4.99 1.08 12.25
C GLU D 10 -5.69 1.57 10.98
N ALA D 11 -7.01 1.72 11.05
CA ALA D 11 -7.81 2.16 9.90
C ALA D 11 -7.74 3.66 9.58
N ASP D 12 -8.02 3.96 8.32
CA ASP D 12 -8.03 5.32 7.80
C ASP D 12 -6.68 6.00 7.67
N PHE D 13 -5.65 5.18 7.47
CA PHE D 13 -4.30 5.66 7.27
C PHE D 13 -3.93 5.47 5.81
N LEU D 14 -3.23 6.44 5.23
CA LEU D 14 -2.77 6.30 3.86
C LEU D 14 -1.34 6.77 3.80
N PHE D 15 -0.43 5.92 3.33
CA PHE D 15 0.97 6.28 3.22
C PHE D 15 1.40 6.33 1.77
N ALA D 16 1.83 7.50 1.31
CA ALA D 16 2.32 7.64 -0.05
C ALA D 16 3.85 7.73 0.01
N TYR D 17 4.53 6.61 -0.17
CA TYR D 17 5.99 6.59 -0.16
C TYR D 17 6.52 6.93 -1.56
N SER D 18 7.61 7.68 -1.64
CA SER D 18 8.17 8.06 -2.94
C SER D 18 8.75 6.89 -3.70
N THR D 19 9.03 5.79 -3.01
CA THR D 19 9.60 4.63 -3.68
C THR D 19 9.17 3.32 -3.01
N VAL D 20 9.42 2.20 -3.67
CA VAL D 20 9.05 0.90 -3.13
C VAL D 20 10.07 0.47 -2.07
N PRO D 21 9.70 -0.51 -1.20
CA PRO D 21 10.58 -1.00 -0.14
C PRO D 21 11.93 -1.51 -0.62
N GLY D 22 12.99 -1.09 0.07
CA GLY D 22 14.33 -1.53 -0.28
C GLY D 22 15.09 -0.77 -1.35
N TYR D 23 14.46 0.23 -1.97
CA TYR D 23 15.10 1.00 -3.02
C TYR D 23 15.49 2.44 -2.68
N TYR D 24 16.18 3.07 -3.63
CA TYR D 24 16.60 4.46 -3.50
C TYR D 24 15.47 5.36 -3.97
N SER D 25 15.58 6.63 -3.61
CA SER D 25 14.61 7.62 -4.03
C SER D 25 15.48 8.74 -4.61
N TRP D 26 15.12 9.20 -5.80
CA TRP D 26 15.91 10.23 -6.47
C TRP D 26 15.44 11.66 -6.27
N ARG D 27 16.42 12.56 -6.12
CA ARG D 27 16.19 13.97 -5.90
C ARG D 27 17.12 14.83 -6.73
N SER D 28 16.56 15.76 -7.48
CA SER D 28 17.33 16.67 -8.32
C SER D 28 17.69 17.94 -7.50
N PRO D 29 18.99 18.27 -7.42
CA PRO D 29 19.41 19.46 -6.66
C PRO D 29 18.81 20.77 -7.15
N GLY D 30 18.46 20.82 -8.43
CA GLY D 30 17.89 22.03 -8.98
C GLY D 30 16.39 22.06 -9.05
N ARG D 31 15.76 20.90 -9.23
CA ARG D 31 14.30 20.84 -9.32
C ARG D 31 13.59 20.21 -8.11
N GLY D 32 14.33 19.41 -7.34
CA GLY D 32 13.73 18.77 -6.18
C GLY D 32 13.51 17.29 -6.45
N SER D 33 12.99 16.57 -5.48
CA SER D 33 12.75 15.14 -5.66
C SER D 33 11.72 14.88 -6.77
N TRP D 34 11.87 13.76 -7.47
CA TRP D 34 10.96 13.43 -8.56
C TRP D 34 9.54 13.28 -8.08
N PHE D 35 9.38 12.54 -6.99
CA PHE D 35 8.08 12.29 -6.38
C PHE D 35 7.33 13.57 -6.00
N VAL D 36 8.01 14.49 -5.32
CA VAL D 36 7.39 15.74 -4.91
C VAL D 36 7.02 16.60 -6.12
N GLN D 37 7.92 16.67 -7.10
CA GLN D 37 7.66 17.43 -8.32
C GLN D 37 6.35 16.94 -8.90
N ALA D 38 6.33 15.65 -9.24
CA ALA D 38 5.17 15.01 -9.82
C ALA D 38 3.89 15.22 -9.02
N LEU D 39 3.95 14.97 -7.72
CA LEU D 39 2.82 15.15 -6.83
C LEU D 39 2.24 16.56 -6.97
N CYS D 40 3.07 17.58 -6.70
CA CYS D 40 2.60 18.96 -6.81
C CYS D 40 2.02 19.25 -8.20
N SER D 41 2.73 18.81 -9.23
CA SER D 41 2.30 18.98 -10.60
C SER D 41 0.84 18.52 -10.76
N ILE D 42 0.59 17.25 -10.45
CA ILE D 42 -0.75 16.70 -10.57
C ILE D 42 -1.76 17.30 -9.58
N LEU D 43 -1.34 17.62 -8.36
CA LEU D 43 -2.28 18.21 -7.40
C LEU D 43 -2.76 19.56 -7.89
N GLU D 44 -1.85 20.36 -8.46
CA GLU D 44 -2.21 21.69 -8.98
C GLU D 44 -3.27 21.53 -10.07
N GLU D 45 -3.08 20.51 -10.91
CA GLU D 45 -3.98 20.24 -12.01
C GLU D 45 -5.28 19.51 -11.64
N HIS D 46 -5.22 18.54 -10.73
CA HIS D 46 -6.42 17.77 -10.38
C HIS D 46 -6.79 17.59 -8.92
N GLY D 47 -6.07 18.21 -8.00
CA GLY D 47 -6.40 18.04 -6.59
C GLY D 47 -7.82 18.35 -6.18
N LYS D 48 -8.46 19.26 -6.90
CA LYS D 48 -9.82 19.65 -6.56
C LYS D 48 -10.91 18.81 -7.21
N ASP D 49 -10.54 17.84 -8.03
CA ASP D 49 -11.57 17.04 -8.70
C ASP D 49 -11.27 15.55 -8.92
N LEU D 50 -10.18 15.06 -8.35
CA LEU D 50 -9.85 13.65 -8.50
C LEU D 50 -9.80 12.97 -7.14
N GLU D 51 -10.16 11.70 -7.11
CA GLU D 51 -10.11 10.94 -5.86
C GLU D 51 -8.62 10.81 -5.53
N ILE D 52 -8.30 10.72 -4.25
CA ILE D 52 -6.91 10.62 -3.82
C ILE D 52 -6.12 9.46 -4.48
N MET D 53 -6.78 8.32 -4.72
CA MET D 53 -6.12 7.18 -5.34
C MET D 53 -5.85 7.40 -6.82
N GLN D 54 -6.71 8.18 -7.47
CA GLN D 54 -6.54 8.49 -8.89
C GLN D 54 -5.34 9.41 -9.01
N ILE D 55 -5.26 10.35 -8.08
CA ILE D 55 -4.16 11.31 -8.05
C ILE D 55 -2.84 10.58 -7.88
N LEU D 56 -2.76 9.70 -6.88
CA LEU D 56 -1.50 9.00 -6.63
C LEU D 56 -1.14 8.01 -7.72
N THR D 57 -2.14 7.43 -8.39
CA THR D 57 -1.86 6.50 -9.47
C THR D 57 -1.20 7.31 -10.59
N ARG D 58 -1.72 8.51 -10.85
CA ARG D 58 -1.16 9.36 -11.89
C ARG D 58 0.24 9.84 -11.51
N VAL D 59 0.49 9.96 -10.21
CA VAL D 59 1.80 10.39 -9.74
C VAL D 59 2.73 9.21 -9.94
N ASN D 60 2.17 8.01 -9.77
CA ASN D 60 2.95 6.79 -9.96
C ASN D 60 3.42 6.70 -11.39
N ASP D 61 2.49 6.97 -12.31
CA ASP D 61 2.79 6.91 -13.72
C ASP D 61 3.79 7.96 -14.16
N ARG D 62 3.67 9.17 -13.61
CA ARG D 62 4.57 10.25 -13.98
C ARG D 62 6.01 10.01 -13.55
N VAL D 63 6.21 9.55 -12.32
CA VAL D 63 7.56 9.29 -11.84
C VAL D 63 8.18 8.12 -12.60
N ALA D 64 7.36 7.12 -12.91
CA ALA D 64 7.80 5.93 -13.63
C ALA D 64 8.25 6.25 -15.05
N ARG D 65 7.46 7.05 -15.75
CA ARG D 65 7.78 7.41 -17.13
C ARG D 65 8.73 8.60 -17.32
N HIS D 66 8.27 9.79 -16.98
CA HIS D 66 9.04 11.02 -17.15
C HIS D 66 10.46 11.12 -16.56
N PHE D 67 10.80 10.34 -15.54
CA PHE D 67 12.15 10.47 -14.96
C PHE D 67 13.15 9.34 -15.18
N GLU D 68 14.41 9.73 -15.28
CA GLU D 68 15.53 8.82 -15.46
C GLU D 68 16.77 9.49 -14.89
N SER D 69 17.41 8.85 -13.92
CA SER D 69 18.59 9.42 -13.25
C SER D 69 19.82 9.55 -14.13
N GLN D 70 20.50 10.68 -13.97
CA GLN D 70 21.71 10.98 -14.73
C GLN D 70 22.86 11.21 -13.76
N SER D 71 23.97 10.50 -13.96
CA SER D 71 25.13 10.63 -13.09
C SER D 71 26.42 10.30 -13.82
N ASP D 72 27.53 10.85 -13.33
CA ASP D 72 28.84 10.62 -13.93
C ASP D 72 29.27 9.18 -13.66
N ASP D 73 28.83 8.66 -12.52
CA ASP D 73 29.13 7.28 -12.12
C ASP D 73 28.28 6.32 -12.94
N PRO D 74 28.90 5.31 -13.56
CA PRO D 74 28.16 4.33 -14.38
C PRO D 74 27.20 3.49 -13.56
N HIS D 75 27.55 3.27 -12.30
CA HIS D 75 26.72 2.47 -11.39
C HIS D 75 25.34 3.08 -11.17
N PHE D 76 25.29 4.40 -11.00
CA PHE D 76 24.01 5.10 -10.77
C PHE D 76 23.50 5.81 -12.01
N HIS D 77 23.83 5.31 -13.20
CA HIS D 77 23.39 5.97 -14.42
C HIS D 77 22.16 5.37 -15.09
N GLU D 78 21.22 6.25 -15.46
CA GLU D 78 19.98 5.87 -16.14
C GLU D 78 19.10 4.89 -15.36
N LYS D 79 18.91 5.16 -14.07
CA LYS D 79 18.09 4.30 -13.22
C LYS D 79 16.67 4.84 -13.09
N LYS D 80 15.72 3.99 -12.71
CA LYS D 80 14.33 4.40 -12.60
C LYS D 80 13.77 4.36 -11.17
N GLN D 81 12.54 4.84 -11.02
CA GLN D 81 11.87 4.90 -9.72
C GLN D 81 10.37 4.73 -9.84
N ILE D 82 9.77 4.05 -8.87
CA ILE D 82 8.33 3.83 -8.86
C ILE D 82 7.82 4.06 -7.44
N PRO D 83 6.86 4.99 -7.25
CA PRO D 83 6.33 5.24 -5.91
C PRO D 83 5.54 4.04 -5.38
N CYS D 84 5.14 4.11 -4.12
CA CYS D 84 4.45 3.00 -3.49
C CYS D 84 3.34 3.53 -2.58
N VAL D 85 2.09 3.22 -2.91
CA VAL D 85 0.98 3.70 -2.10
C VAL D 85 0.40 2.62 -1.20
N VAL D 86 0.28 2.89 0.09
CA VAL D 86 -0.28 1.92 1.03
C VAL D 86 -1.58 2.49 1.62
N SER D 87 -2.70 1.83 1.34
CA SER D 87 -3.97 2.33 1.82
C SER D 87 -4.70 1.46 2.83
N MET D 88 -5.25 2.14 3.84
CA MET D 88 -6.02 1.53 4.90
C MET D 88 -7.28 2.39 4.97
N LEU D 89 -7.50 3.18 3.92
CA LEU D 89 -8.68 4.04 3.87
C LEU D 89 -9.90 3.15 3.69
N THR D 90 -11.05 3.63 4.19
CA THR D 90 -12.30 2.89 4.12
C THR D 90 -13.35 3.58 3.25
N LYS D 91 -13.00 4.75 2.72
CA LYS D 91 -13.90 5.51 1.87
C LYS D 91 -13.09 6.14 0.75
N GLU D 92 -13.78 6.75 -0.21
CA GLU D 92 -13.12 7.44 -1.31
C GLU D 92 -12.81 8.83 -0.78
N LEU D 93 -11.66 9.40 -1.15
CA LEU D 93 -11.30 10.72 -0.64
C LEU D 93 -11.20 11.83 -1.69
N TYR D 94 -11.97 12.89 -1.48
CA TYR D 94 -11.99 14.07 -2.35
C TYR D 94 -11.72 15.29 -1.49
N PHE D 95 -10.89 16.20 -1.98
CA PHE D 95 -10.55 17.40 -1.21
C PHE D 95 -11.51 18.57 -1.37
N SER D 96 -12.70 18.33 -1.91
CA SER D 96 -13.65 19.44 -2.08
C SER D 96 -15.12 19.06 -1.87
N GLN D 97 -15.94 20.11 -1.73
CA GLN D 97 -17.40 20.00 -1.51
C GLN D 97 -17.75 19.75 -0.04
N LEU E 2 -15.94 -20.46 16.68
CA LEU E 2 -14.89 -19.61 17.26
C LEU E 2 -13.81 -19.25 16.25
N ASP E 3 -13.65 -17.95 16.03
CA ASP E 3 -12.67 -17.43 15.08
C ASP E 3 -11.22 -17.86 15.36
N GLU E 4 -10.52 -18.23 14.30
CA GLU E 4 -9.12 -18.66 14.38
C GLU E 4 -8.24 -17.65 13.64
N SER E 5 -6.94 -17.68 13.89
CA SER E 5 -6.03 -16.73 13.24
C SER E 5 -5.13 -17.38 12.18
N LEU F 2 23.75 16.81 -11.35
CA LEU F 2 23.44 15.37 -11.33
C LEU F 2 22.55 14.93 -10.17
N ASP F 3 21.51 14.16 -10.48
CA ASP F 3 20.58 13.67 -9.47
C ASP F 3 21.31 12.98 -8.33
N GLU F 4 20.80 13.15 -7.12
CA GLU F 4 21.39 12.54 -5.93
C GLU F 4 20.32 11.64 -5.33
N SER F 5 20.70 10.77 -4.40
CA SER F 5 19.71 9.87 -3.82
C SER F 5 19.44 10.15 -2.33
#